data_6CTH
#
_entry.id   6CTH
#
_cell.length_a   56.798
_cell.length_b   56.798
_cell.length_c   358.040
_cell.angle_alpha   90.00
_cell.angle_beta   90.00
_cell.angle_gamma   120.00
#
_symmetry.space_group_name_H-M   'P 61 2 2'
#
loop_
_entity.id
_entity.type
_entity.pdbx_description
1 polymer 'Concanavalin A-like lectin protein kinase family protein'
2 non-polymer N-{(3Z)-2-oxo-3-[phenyl({4-[(piperidin-1-yl)methyl]phenyl}amino)methylidene]-2,3-dihydro-1H-indol-5-yl}ethanesulfonamide
3 non-polymer 'MAGNESIUM ION'
4 non-polymer 'ACETATE ION'
5 water water
#
_entity_poly.entity_id   1
_entity_poly.type   'polypeptide(L)'
_entity_poly.pdbx_seq_one_letter_code
;SMRKFSLNELAKVTSNFNAENKLGEGGFGSVYRGFLRDSDTYIAVKKVSRASKQGIKEYASEVKIISRLRHKNLVKLIGW
CHERGELMLVYEFMANGSLDSHIFKGKSLLTWEVRYRIVKDLASALLYLHEEGDHCVLHRDIKTSNIMLDSSFNAKLGDF
GLARLVDHAKGLKKTLLAGTVGYMAPECLSSGKASKESDVYSFGVVALEIASGRRSIEPKFEESEALLLVPWVWESYGNE
RILDIADRKLGMAFDPKQLECLVMVGLWCAHPSHNLRPSIRQVIQVLNFEAPLPNLPGSMPIPNYNDVQ
;
_entity_poly.pdbx_strand_id   A
#
# COMPACT_ATOMS: atom_id res chain seq x y z
N MET A 2 16.24 12.49 11.03
CA MET A 2 15.19 12.30 12.07
C MET A 2 15.79 12.49 13.43
N ARG A 3 14.94 12.54 14.46
CA ARG A 3 15.34 12.84 15.83
C ARG A 3 14.44 12.27 16.96
N LYS A 4 14.95 12.34 18.18
CA LYS A 4 14.26 11.84 19.35
C LYS A 4 13.32 12.92 19.87
N PHE A 5 12.05 12.58 19.97
CA PHE A 5 11.06 13.47 20.59
C PHE A 5 10.78 13.02 22.03
N SER A 6 10.57 13.99 22.90
CA SER A 6 10.08 13.72 24.23
C SER A 6 8.54 13.58 24.20
N LEU A 7 8.03 12.80 25.12
CA LEU A 7 6.59 12.70 25.36
C LEU A 7 5.95 14.07 25.55
N ASN A 8 6.55 14.92 26.36
CA ASN A 8 5.98 16.26 26.60
C ASN A 8 5.79 17.10 25.35
N GLU A 9 6.76 17.09 24.43
CA GLU A 9 6.60 17.95 23.26
C GLU A 9 5.55 17.40 22.30
N LEU A 10 5.45 16.08 22.23
CA LEU A 10 4.42 15.40 21.40
C LEU A 10 3.03 15.62 21.96
N ALA A 11 2.90 15.49 23.28
CA ALA A 11 1.66 15.94 24.02
C ALA A 11 1.31 17.39 23.68
N LYS A 12 2.30 18.29 23.75
CA LYS A 12 2.02 19.69 23.49
C LYS A 12 1.53 19.94 22.08
N VAL A 13 2.22 19.38 21.08
CA VAL A 13 1.86 19.72 19.71
C VAL A 13 0.59 19.05 19.24
N THR A 14 0.21 17.93 19.86
CA THR A 14 -1.09 17.26 19.57
C THR A 14 -2.27 17.63 20.50
N SER A 15 -2.03 18.55 21.42
CA SER A 15 -3.03 18.92 22.44
C SER A 15 -3.47 17.70 23.24
N ASN A 16 -2.49 16.97 23.78
CA ASN A 16 -2.68 15.74 24.52
C ASN A 16 -3.50 14.76 23.70
N PHE A 17 -3.08 14.59 22.45
CA PHE A 17 -3.73 13.65 21.53
C PHE A 17 -5.25 13.81 21.51
N ASN A 18 -5.69 15.04 21.35
CA ASN A 18 -7.09 15.42 21.40
C ASN A 18 -7.78 14.76 20.22
N ALA A 19 -9.01 14.31 20.44
CA ALA A 19 -9.73 13.65 19.40
C ALA A 19 -9.95 14.51 18.16
N GLU A 20 -10.07 15.82 18.33
CA GLU A 20 -10.23 16.73 17.20
C GLU A 20 -8.97 16.70 16.31
N ASN A 21 -7.84 16.27 16.85
CA ASN A 21 -6.60 16.19 16.04
C ASN A 21 -6.34 14.79 15.43
N LYS A 22 -7.25 13.84 15.61
CA LYS A 22 -7.07 12.51 15.03
C LYS A 22 -7.25 12.58 13.51
N LEU A 23 -6.26 12.06 12.78
CA LEU A 23 -6.29 12.01 11.34
C LEU A 23 -6.86 10.70 10.85
N GLY A 24 -6.63 9.63 11.62
CA GLY A 24 -7.13 8.29 11.24
C GLY A 24 -6.45 7.23 12.07
N GLU A 25 -6.81 5.98 11.77
CA GLU A 25 -6.20 4.83 12.40
C GLU A 25 -5.11 4.36 11.47
N GLY A 26 -3.91 4.29 12.02
CA GLY A 26 -2.78 3.61 11.39
C GLY A 26 -2.86 2.12 11.66
N GLY A 27 -1.87 1.39 11.21
CA GLY A 27 -1.87 -0.06 11.39
C GLY A 27 -1.78 -0.58 12.81
N PHE A 28 -1.15 0.18 13.69
CA PHE A 28 -0.91 -0.27 15.07
C PHE A 28 -0.94 0.92 16.02
N GLY A 29 -1.86 1.87 15.73
CA GLY A 29 -2.09 3.04 16.57
C GLY A 29 -2.86 4.12 15.81
N SER A 30 -3.36 5.08 16.53
CA SER A 30 -4.03 6.25 15.94
C SER A 30 -2.98 7.27 15.52
N VAL A 31 -3.27 8.00 14.47
CA VAL A 31 -2.38 9.07 14.00
C VAL A 31 -3.04 10.44 14.23
N TYR A 32 -2.26 11.37 14.79
CA TYR A 32 -2.73 12.72 15.15
C TYR A 32 -1.97 13.79 14.42
N ARG A 33 -2.63 14.89 14.09
CA ARG A 33 -1.99 16.03 13.48
C ARG A 33 -1.36 16.81 14.64
N GLY A 34 -0.10 17.19 14.48
CA GLY A 34 0.63 17.94 15.50
C GLY A 34 1.01 19.26 14.86
N PHE A 35 0.95 20.35 15.60
CA PHE A 35 1.23 21.72 15.10
C PHE A 35 2.48 22.21 15.78
N LEU A 36 3.49 22.56 14.97
CA LEU A 36 4.77 23.10 15.44
C LEU A 36 4.69 24.64 15.34
N ARG A 37 4.55 25.28 16.51
CA ARG A 37 4.43 26.74 16.63
C ARG A 37 5.66 27.49 16.13
N ASP A 38 6.83 26.98 16.52
CA ASP A 38 8.12 27.59 16.15
C ASP A 38 8.42 27.54 14.64
N SER A 39 7.93 26.50 13.94
CA SER A 39 8.09 26.37 12.49
C SER A 39 6.85 26.87 11.67
N ASP A 40 5.70 27.09 12.31
CA ASP A 40 4.41 27.28 11.58
C ASP A 40 4.02 26.07 10.67
N THR A 41 4.50 24.88 11.02
CA THR A 41 4.25 23.65 10.25
C THR A 41 3.53 22.52 11.04
N TYR A 42 2.99 21.55 10.29
CA TYR A 42 2.30 20.41 10.86
C TYR A 42 3.10 19.13 10.67
N ILE A 43 2.95 18.21 11.62
CA ILE A 43 3.51 16.87 11.51
C ILE A 43 2.39 15.85 11.74
N ALA A 44 2.70 14.57 11.54
CA ALA A 44 1.75 13.48 11.84
C ALA A 44 2.39 12.59 12.89
N VAL A 45 1.70 12.38 14.00
CA VAL A 45 2.24 11.65 15.13
C VAL A 45 1.39 10.40 15.29
N LYS A 46 2.02 9.23 15.18
CA LYS A 46 1.38 7.97 15.46
C LYS A 46 1.67 7.53 16.90
N LYS A 47 0.58 7.40 17.68
CA LYS A 47 0.63 6.92 19.03
C LYS A 47 0.35 5.42 19.05
N VAL A 48 1.34 4.64 19.44
CA VAL A 48 1.25 3.20 19.38
C VAL A 48 0.32 2.66 20.45
N SER A 49 -0.43 1.67 20.02
CA SER A 49 -1.40 0.98 20.85
C SER A 49 -0.63 -0.14 21.58
N ARG A 50 -0.68 -0.14 22.90
CA ARG A 50 -0.10 -1.22 23.73
C ARG A 50 -1.14 -2.28 24.13
N ALA A 51 -2.23 -2.38 23.36
CA ALA A 51 -3.43 -3.16 23.76
C ALA A 51 -3.25 -4.66 23.45
N SER A 52 -2.39 -4.99 22.48
CA SER A 52 -1.70 -6.28 22.41
C SER A 52 -0.17 -6.07 22.52
N LYS A 53 0.53 -7.19 22.70
CA LYS A 53 1.98 -7.22 22.65
C LYS A 53 2.47 -6.89 21.22
N GLN A 54 1.62 -7.09 20.20
CA GLN A 54 1.99 -6.82 18.81
C GLN A 54 2.29 -5.34 18.50
N GLY A 55 1.62 -4.42 19.20
CA GLY A 55 1.97 -2.99 19.18
C GLY A 55 3.45 -2.66 19.27
N ILE A 56 4.10 -3.15 20.35
CA ILE A 56 5.58 -2.92 20.53
C ILE A 56 6.43 -3.67 19.49
N LYS A 57 5.98 -4.83 19.05
CA LYS A 57 6.67 -5.55 18.00
C LYS A 57 6.62 -4.74 16.69
N GLU A 58 5.45 -4.17 16.37
CA GLU A 58 5.29 -3.40 15.12
C GLU A 58 6.02 -2.08 15.19
N TYR A 59 6.02 -1.40 16.34
CA TYR A 59 6.87 -0.23 16.53
C TYR A 59 8.33 -0.58 16.28
N ALA A 60 8.81 -1.67 16.86
CA ALA A 60 10.24 -2.03 16.78
C ALA A 60 10.68 -2.36 15.35
N SER A 61 9.83 -3.15 14.68
CA SER A 61 9.97 -3.43 13.26
C SER A 61 9.96 -2.13 12.44
N GLU A 62 9.02 -1.22 12.69
CA GLU A 62 8.96 -0.01 11.91
C GLU A 62 10.27 0.78 12.05
N VAL A 63 10.72 1.02 13.28
CA VAL A 63 11.97 1.83 13.46
C VAL A 63 13.17 1.20 12.78
N LYS A 64 13.30 -0.12 12.95
CA LYS A 64 14.43 -0.88 12.41
C LYS A 64 14.49 -0.78 10.91
N ILE A 65 13.34 -1.03 10.27
CA ILE A 65 13.27 -1.14 8.84
C ILE A 65 13.30 0.26 8.20
N ILE A 66 12.43 1.15 8.67
CA ILE A 66 12.27 2.45 7.98
C ILE A 66 13.54 3.30 8.02
N SER A 67 14.36 3.09 9.06
N SER A 67 14.36 3.09 9.05
CA SER A 67 15.68 3.72 9.23
CA SER A 67 15.63 3.78 9.20
C SER A 67 16.64 3.36 8.08
C SER A 67 16.66 3.35 8.13
N ARG A 68 16.46 2.19 7.50
CA ARG A 68 17.28 1.71 6.39
C ARG A 68 16.81 2.09 4.99
N LEU A 69 15.72 2.86 4.87
CA LEU A 69 15.10 3.16 3.61
C LEU A 69 15.04 4.64 3.31
N ARG A 70 15.44 5.02 2.09
CA ARG A 70 15.29 6.38 1.62
C ARG A 70 14.89 6.28 0.15
N HIS A 71 13.69 6.75 -0.21
CA HIS A 71 13.27 6.62 -1.61
C HIS A 71 12.12 7.61 -1.81
N LYS A 72 12.03 8.16 -3.02
CA LYS A 72 10.95 9.11 -3.33
C LYS A 72 9.55 8.49 -3.15
N ASN A 73 9.44 7.20 -3.28
CA ASN A 73 8.12 6.54 -3.17
C ASN A 73 7.98 5.76 -1.85
N LEU A 74 8.78 6.11 -0.85
CA LEU A 74 8.62 5.56 0.50
C LEU A 74 8.42 6.65 1.54
N VAL A 75 7.52 6.40 2.51
CA VAL A 75 7.36 7.32 3.60
C VAL A 75 8.62 7.36 4.47
N LYS A 76 9.08 8.57 4.81
CA LYS A 76 10.22 8.80 5.72
C LYS A 76 9.81 9.01 7.16
N LEU A 77 10.56 8.42 8.09
CA LEU A 77 10.39 8.67 9.50
C LEU A 77 11.13 9.95 9.85
N ILE A 78 10.48 10.87 10.53
CA ILE A 78 11.18 12.11 10.95
C ILE A 78 11.44 12.15 12.44
N GLY A 79 10.83 11.26 13.22
CA GLY A 79 11.27 11.06 14.59
C GLY A 79 10.58 9.91 15.30
N TRP A 80 11.00 9.67 16.53
CA TRP A 80 10.50 8.59 17.38
C TRP A 80 10.46 9.09 18.82
N CYS A 81 9.75 8.33 19.65
CA CYS A 81 9.70 8.56 21.10
C CYS A 81 9.45 7.21 21.75
N HIS A 82 10.32 6.86 22.70
CA HIS A 82 10.20 5.62 23.50
C HIS A 82 10.49 6.06 24.93
N GLU A 83 9.44 6.36 25.69
CA GLU A 83 9.60 7.11 26.96
C GLU A 83 8.52 6.72 27.95
N ARG A 84 8.95 6.24 29.12
CA ARG A 84 8.06 5.59 30.09
C ARG A 84 7.43 4.36 29.36
N GLY A 85 6.11 4.19 29.40
CA GLY A 85 5.44 3.14 28.61
C GLY A 85 5.15 3.44 27.14
N GLU A 86 5.16 4.74 26.79
CA GLU A 86 4.63 5.26 25.53
C GLU A 86 5.63 5.19 24.35
N LEU A 87 5.16 4.63 23.25
CA LEU A 87 5.94 4.48 22.01
C LEU A 87 5.23 5.31 20.94
N MET A 88 5.99 6.14 20.22
CA MET A 88 5.45 7.01 19.17
C MET A 88 6.37 7.25 17.98
N LEU A 89 5.76 7.51 16.82
CA LEU A 89 6.47 7.66 15.55
C LEU A 89 5.98 8.94 14.86
N VAL A 90 6.92 9.69 14.29
CA VAL A 90 6.60 11.01 13.74
C VAL A 90 6.96 11.07 12.28
N TYR A 91 6.06 11.62 11.47
CA TYR A 91 6.19 11.68 10.01
C TYR A 91 5.76 13.05 9.51
N GLU A 92 6.07 13.36 8.26
CA GLU A 92 5.49 14.53 7.60
C GLU A 92 3.99 14.46 7.53
N PHE A 93 3.32 15.60 7.75
CA PHE A 93 1.90 15.70 7.48
C PHE A 93 1.66 15.83 5.99
N MET A 94 0.79 14.97 5.47
CA MET A 94 0.47 14.90 4.04
C MET A 94 -1.03 15.14 3.88
N ALA A 95 -1.36 16.36 3.48
CA ALA A 95 -2.76 16.84 3.47
C ALA A 95 -3.71 16.05 2.58
N ASN A 96 -3.18 15.41 1.54
CA ASN A 96 -4.00 14.52 0.71
C ASN A 96 -4.30 13.14 1.32
N GLY A 97 -3.68 12.79 2.43
CA GLY A 97 -3.97 11.54 3.11
C GLY A 97 -3.64 10.26 2.33
N SER A 98 -4.38 9.18 2.63
CA SER A 98 -4.08 7.90 2.05
C SER A 98 -4.91 7.62 0.81
N LEU A 99 -4.39 6.74 -0.02
CA LEU A 99 -4.98 6.51 -1.33
C LEU A 99 -6.43 5.97 -1.27
N ASP A 100 -6.67 5.10 -0.30
CA ASP A 100 -8.01 4.52 -0.10
C ASP A 100 -9.12 5.61 0.01
N SER A 101 -8.79 6.75 0.61
CA SER A 101 -9.73 7.86 0.81
C SER A 101 -10.15 8.45 -0.50
N HIS A 102 -9.30 8.36 -1.52
CA HIS A 102 -9.64 8.89 -2.86
C HIS A 102 -10.29 7.86 -3.74
N ILE A 103 -9.69 6.68 -3.81
CA ILE A 103 -10.22 5.69 -4.74
C ILE A 103 -11.50 5.02 -4.28
N PHE A 104 -11.67 4.79 -2.98
CA PHE A 104 -12.91 4.14 -2.49
C PHE A 104 -13.91 5.12 -1.88
N LYS A 105 -13.42 6.08 -1.11
CA LYS A 105 -14.27 7.01 -0.34
C LYS A 105 -14.57 8.36 -0.99
N GLY A 106 -14.22 8.55 -2.26
CA GLY A 106 -14.51 9.79 -2.97
C GLY A 106 -14.05 11.11 -2.38
N LYS A 107 -12.91 11.13 -1.66
CA LYS A 107 -12.29 12.40 -1.27
C LYS A 107 -11.98 13.28 -2.49
N SER A 108 -11.52 12.65 -3.59
CA SER A 108 -11.46 13.29 -4.91
C SER A 108 -11.58 12.21 -5.98
N LEU A 109 -11.77 12.61 -7.23
CA LEU A 109 -11.77 11.70 -8.35
C LEU A 109 -10.37 11.72 -8.89
N LEU A 110 -9.68 10.60 -8.80
CA LEU A 110 -8.34 10.48 -9.37
C LEU A 110 -8.45 10.24 -10.86
N THR A 111 -7.83 11.11 -11.67
CA THR A 111 -7.79 10.93 -13.13
C THR A 111 -7.06 9.64 -13.49
N TRP A 112 -7.31 9.15 -14.69
CA TRP A 112 -6.62 8.00 -15.22
C TRP A 112 -5.10 8.24 -15.18
N GLU A 113 -4.64 9.40 -15.65
CA GLU A 113 -3.21 9.67 -15.73
C GLU A 113 -2.55 9.61 -14.32
N VAL A 114 -3.22 10.16 -13.33
CA VAL A 114 -2.73 10.08 -11.96
C VAL A 114 -2.71 8.64 -11.44
N ARG A 115 -3.74 7.86 -11.72
CA ARG A 115 -3.77 6.48 -11.25
C ARG A 115 -2.66 5.60 -11.81
N TYR A 116 -2.37 5.74 -13.10
CA TYR A 116 -1.34 4.95 -13.78
C TYR A 116 0.02 5.36 -13.19
N ARG A 117 0.19 6.66 -12.91
CA ARG A 117 1.40 7.16 -12.29
C ARG A 117 1.59 6.58 -10.89
N ILE A 118 0.51 6.51 -10.13
CA ILE A 118 0.54 5.96 -8.79
C ILE A 118 0.97 4.50 -8.82
N VAL A 119 0.47 3.71 -9.75
CA VAL A 119 0.84 2.30 -9.82
C VAL A 119 2.35 2.23 -10.12
N LYS A 120 2.82 3.05 -11.05
CA LYS A 120 4.30 3.06 -11.36
C LYS A 120 5.14 3.48 -10.12
N ASP A 121 4.63 4.42 -9.35
CA ASP A 121 5.27 4.91 -8.09
C ASP A 121 5.36 3.76 -7.10
N LEU A 122 4.24 3.04 -6.92
CA LEU A 122 4.23 1.88 -6.03
C LEU A 122 5.19 0.81 -6.54
N ALA A 123 5.25 0.60 -7.85
CA ALA A 123 6.15 -0.43 -8.42
C ALA A 123 7.62 -0.07 -8.14
N SER A 124 7.91 1.22 -8.29
CA SER A 124 9.28 1.77 -7.98
C SER A 124 9.64 1.54 -6.54
N ALA A 125 8.70 1.80 -5.63
CA ALA A 125 8.93 1.51 -4.22
C ALA A 125 9.28 0.04 -3.96
N LEU A 126 8.49 -0.85 -4.55
CA LEU A 126 8.69 -2.27 -4.39
C LEU A 126 10.02 -2.73 -4.97
N LEU A 127 10.40 -2.17 -6.10
CA LEU A 127 11.69 -2.53 -6.72
C LEU A 127 12.82 -2.19 -5.75
N TYR A 128 12.71 -1.01 -5.18
CA TYR A 128 13.71 -0.55 -4.19
C TYR A 128 13.75 -1.49 -2.99
N LEU A 129 12.57 -1.83 -2.46
CA LEU A 129 12.51 -2.75 -1.36
C LEU A 129 13.10 -4.11 -1.66
N HIS A 130 12.73 -4.69 -2.78
CA HIS A 130 13.09 -6.07 -3.08
C HIS A 130 14.53 -6.22 -3.54
N GLU A 131 15.07 -5.20 -4.22
CA GLU A 131 16.30 -5.41 -4.99
C GLU A 131 17.40 -4.40 -4.77
N GLU A 132 17.13 -3.24 -4.19
CA GLU A 132 18.13 -2.14 -4.20
C GLU A 132 18.85 -1.90 -2.90
N GLY A 133 18.42 -2.51 -1.80
CA GLY A 133 19.07 -2.36 -0.50
C GLY A 133 20.13 -3.39 -0.20
N ASP A 134 20.86 -3.16 0.89
CA ASP A 134 21.82 -4.13 1.42
C ASP A 134 21.15 -5.49 1.70
N HIS A 135 19.90 -5.44 2.14
CA HIS A 135 19.05 -6.62 2.33
C HIS A 135 17.70 -6.38 1.67
N CYS A 136 17.15 -7.45 1.13
CA CYS A 136 15.77 -7.43 0.61
C CYS A 136 14.86 -7.12 1.82
N VAL A 137 13.85 -6.29 1.59
CA VAL A 137 12.81 -5.99 2.57
C VAL A 137 11.50 -6.51 1.98
N LEU A 138 10.83 -7.37 2.74
CA LEU A 138 9.51 -7.84 2.35
C LEU A 138 8.57 -7.02 3.18
N HIS A 139 7.65 -6.33 2.53
CA HIS A 139 6.76 -5.38 3.20
C HIS A 139 5.65 -6.08 4.02
N ARG A 140 4.96 -6.99 3.37
CA ARG A 140 3.96 -7.84 4.01
C ARG A 140 2.60 -7.20 4.28
N ASP A 141 2.44 -5.93 3.93
CA ASP A 141 1.14 -5.29 4.10
C ASP A 141 0.84 -4.23 3.08
N ILE A 142 1.14 -4.54 1.84
CA ILE A 142 0.83 -3.65 0.78
C ILE A 142 -0.69 -3.56 0.59
N LYS A 143 -1.24 -2.36 0.67
CA LYS A 143 -2.65 -2.10 0.43
C LYS A 143 -2.84 -0.57 0.27
N THR A 144 -3.98 -0.13 -0.28
CA THR A 144 -4.11 1.32 -0.55
C THR A 144 -4.18 2.24 0.67
N SER A 145 -4.62 1.75 1.84
CA SER A 145 -4.53 2.54 3.05
C SER A 145 -3.11 2.77 3.58
N ASN A 146 -2.14 2.02 3.04
CA ASN A 146 -0.75 2.22 3.35
C ASN A 146 -0.02 3.03 2.30
N ILE A 147 -0.73 3.60 1.34
CA ILE A 147 -0.11 4.48 0.32
C ILE A 147 -0.55 5.93 0.56
N MET A 148 0.44 6.79 0.84
CA MET A 148 0.19 8.19 1.11
C MET A 148 0.37 9.00 -0.15
N LEU A 149 -0.37 10.09 -0.27
CA LEU A 149 -0.31 10.95 -1.43
C LEU A 149 0.24 12.33 -1.06
N ASP A 150 1.22 12.83 -1.82
CA ASP A 150 1.70 14.19 -1.60
C ASP A 150 0.80 15.19 -2.33
N SER A 151 1.22 16.45 -2.31
CA SER A 151 0.46 17.55 -2.90
C SER A 151 0.23 17.35 -4.39
N SER A 152 1.21 16.78 -5.06
CA SER A 152 1.08 16.48 -6.51
C SER A 152 0.50 15.09 -6.82
N PHE A 153 -0.08 14.44 -5.81
CA PHE A 153 -0.53 13.09 -5.94
C PHE A 153 0.56 12.07 -6.32
N ASN A 154 1.82 12.34 -5.96
CA ASN A 154 2.84 11.30 -6.02
C ASN A 154 2.62 10.38 -4.82
N ALA A 155 2.85 9.09 -5.02
CA ALA A 155 2.56 8.06 -4.00
C ALA A 155 3.77 7.66 -3.17
N LYS A 156 3.60 7.47 -1.86
CA LYS A 156 4.62 6.96 -0.96
C LYS A 156 4.07 5.80 -0.16
N LEU A 157 4.73 4.65 -0.22
CA LEU A 157 4.34 3.48 0.51
C LEU A 157 4.89 3.57 1.91
N GLY A 158 4.06 3.27 2.90
CA GLY A 158 4.48 3.21 4.27
C GLY A 158 3.96 1.98 4.98
N ASP A 159 3.97 2.08 6.30
CA ASP A 159 3.65 1.00 7.25
C ASP A 159 4.55 -0.20 7.14
N PHE A 160 5.63 -0.16 7.90
CA PHE A 160 6.62 -1.24 7.96
C PHE A 160 6.50 -2.10 9.23
N GLY A 161 5.32 -2.12 9.84
CA GLY A 161 5.18 -2.86 11.10
C GLY A 161 5.27 -4.37 10.99
N LEU A 162 4.93 -4.90 9.82
CA LEU A 162 5.09 -6.33 9.48
C LEU A 162 6.30 -6.61 8.57
N ALA A 163 7.04 -5.57 8.19
CA ALA A 163 8.11 -5.74 7.22
C ALA A 163 9.29 -6.49 7.82
N ARG A 164 9.99 -7.24 6.98
CA ARG A 164 11.12 -8.00 7.45
C ARG A 164 12.32 -7.97 6.52
N LEU A 165 13.50 -7.96 7.10
CA LEU A 165 14.74 -8.07 6.32
C LEU A 165 15.07 -9.49 6.00
N VAL A 166 15.53 -9.77 4.79
CA VAL A 166 15.93 -11.12 4.42
C VAL A 166 17.46 -11.22 4.58
N ASP A 167 17.89 -11.77 5.73
CA ASP A 167 19.25 -12.29 6.01
C ASP A 167 20.29 -11.19 6.21
N LYS A 174 11.68 -17.43 10.37
CA LYS A 174 10.35 -17.82 10.80
C LYS A 174 9.63 -16.58 11.32
N THR A 175 8.48 -16.27 10.72
CA THR A 175 7.64 -15.15 11.12
C THR A 175 6.24 -15.66 11.44
N LEU A 176 5.53 -14.95 12.29
CA LEU A 176 4.12 -15.20 12.51
C LEU A 176 3.32 -14.86 11.28
N LEU A 177 2.35 -15.71 10.94
CA LEU A 177 1.45 -15.44 9.83
C LEU A 177 0.59 -14.23 10.17
N ALA A 178 0.66 -13.20 9.33
CA ALA A 178 -0.05 -11.94 9.57
C ALA A 178 -0.18 -11.24 8.25
N GLY A 179 -1.18 -10.38 8.15
CA GLY A 179 -1.36 -9.55 6.99
C GLY A 179 -2.77 -9.05 6.94
N THR A 180 -3.14 -8.48 5.81
CA THR A 180 -4.48 -7.95 5.66
C THR A 180 -5.31 -8.85 4.71
N VAL A 181 -6.39 -9.40 5.26
CA VAL A 181 -7.31 -10.22 4.49
C VAL A 181 -7.75 -9.47 3.24
N GLY A 182 -7.62 -10.11 2.08
CA GLY A 182 -7.94 -9.54 0.77
C GLY A 182 -6.70 -9.17 -0.06
N TYR A 183 -5.57 -9.10 0.64
CA TYR A 183 -4.26 -8.81 0.02
C TYR A 183 -3.24 -9.89 0.20
N MET A 184 -3.64 -11.02 0.77
CA MET A 184 -2.72 -12.07 1.11
C MET A 184 -2.76 -13.20 0.11
N ALA A 185 -1.59 -13.53 -0.45
CA ALA A 185 -1.49 -14.61 -1.41
C ALA A 185 -1.90 -15.95 -0.81
N PRO A 186 -2.45 -16.86 -1.64
CA PRO A 186 -2.93 -18.11 -1.04
C PRO A 186 -1.91 -18.94 -0.28
N GLU A 187 -0.67 -19.01 -0.78
CA GLU A 187 0.39 -19.71 -0.11
C GLU A 187 0.73 -19.12 1.29
N CYS A 188 0.39 -17.85 1.56
CA CYS A 188 0.53 -17.32 2.94
C CYS A 188 -0.26 -18.15 3.89
N LEU A 189 -1.50 -18.46 3.54
CA LEU A 189 -2.34 -19.19 4.47
C LEU A 189 -2.01 -20.67 4.52
N SER A 190 -1.57 -21.24 3.40
CA SER A 190 -1.26 -22.67 3.36
C SER A 190 0.08 -23.02 3.96
N SER A 191 1.10 -22.19 3.69
CA SER A 191 2.46 -22.44 4.14
C SER A 191 2.99 -21.45 5.14
N GLY A 192 2.44 -20.23 5.19
CA GLY A 192 2.95 -19.21 6.07
C GLY A 192 4.11 -18.42 5.52
N LYS A 193 4.60 -18.76 4.34
CA LYS A 193 5.90 -18.24 3.85
C LYS A 193 5.69 -16.90 3.14
N ALA A 194 6.35 -15.84 3.62
CA ALA A 194 6.36 -14.54 2.92
C ALA A 194 7.54 -14.50 1.95
N SER A 195 7.34 -13.84 0.82
CA SER A 195 8.37 -13.78 -0.24
C SER A 195 8.17 -12.55 -1.08
N LYS A 196 9.11 -12.32 -2.00
CA LYS A 196 8.92 -11.26 -2.98
C LYS A 196 7.59 -11.48 -3.73
N GLU A 197 7.31 -12.73 -4.05
CA GLU A 197 6.11 -13.11 -4.81
C GLU A 197 4.80 -12.85 -4.01
N SER A 198 4.81 -13.04 -2.70
CA SER A 198 3.65 -12.65 -1.90
C SER A 198 3.42 -11.11 -1.87
N ASP A 199 4.50 -10.33 -1.87
CA ASP A 199 4.40 -8.89 -1.96
C ASP A 199 3.84 -8.51 -3.35
N VAL A 200 4.30 -9.19 -4.41
CA VAL A 200 3.83 -8.92 -5.77
C VAL A 200 2.32 -9.23 -5.87
N TYR A 201 1.86 -10.28 -5.21
CA TYR A 201 0.40 -10.61 -5.16
C TYR A 201 -0.38 -9.41 -4.62
N SER A 202 0.06 -8.86 -3.48
CA SER A 202 -0.62 -7.71 -2.91
C SER A 202 -0.60 -6.53 -3.86
N PHE A 203 0.56 -6.29 -4.50
CA PHE A 203 0.64 -5.23 -5.52
C PHE A 203 -0.42 -5.40 -6.64
N GLY A 204 -0.56 -6.64 -7.09
CA GLY A 204 -1.57 -7.03 -8.14
C GLY A 204 -2.96 -6.62 -7.71
N VAL A 205 -3.31 -6.94 -6.48
CA VAL A 205 -4.64 -6.62 -5.95
C VAL A 205 -4.82 -5.11 -5.93
N VAL A 206 -3.79 -4.40 -5.44
CA VAL A 206 -3.85 -2.95 -5.40
C VAL A 206 -4.01 -2.38 -6.80
N ALA A 207 -3.25 -2.88 -7.78
CA ALA A 207 -3.34 -2.40 -9.15
C ALA A 207 -4.79 -2.49 -9.66
N LEU A 208 -5.44 -3.59 -9.35
CA LEU A 208 -6.83 -3.82 -9.79
C LEU A 208 -7.83 -2.94 -9.07
N GLU A 209 -7.58 -2.67 -7.78
CA GLU A 209 -8.41 -1.72 -7.01
C GLU A 209 -8.30 -0.35 -7.62
N ILE A 210 -7.08 0.07 -8.00
CA ILE A 210 -6.89 1.38 -8.60
C ILE A 210 -7.59 1.52 -9.98
N ALA A 211 -7.48 0.52 -10.82
CA ALA A 211 -8.16 0.49 -12.13
C ALA A 211 -9.70 0.59 -11.98
N SER A 212 -10.22 -0.11 -10.98
CA SER A 212 -11.66 -0.40 -10.88
C SER A 212 -12.41 0.50 -9.90
N GLY A 213 -11.67 1.14 -8.98
CA GLY A 213 -12.28 1.85 -7.87
C GLY A 213 -13.07 0.98 -6.92
N ARG A 214 -12.77 -0.32 -6.86
CA ARG A 214 -13.50 -1.29 -6.05
C ARG A 214 -12.53 -1.94 -5.08
N ARG A 215 -12.95 -2.05 -3.81
CA ARG A 215 -12.16 -2.70 -2.81
C ARG A 215 -12.13 -4.22 -3.00
N SER A 216 -10.96 -4.82 -2.77
CA SER A 216 -10.75 -6.25 -2.91
C SER A 216 -11.83 -7.09 -2.20
N ILE A 217 -12.04 -6.79 -0.94
CA ILE A 217 -12.92 -7.57 -0.02
C ILE A 217 -14.39 -7.16 -0.10
N GLU A 218 -14.70 -6.03 -0.74
CA GLU A 218 -16.10 -5.43 -0.75
C GLU A 218 -16.29 -4.70 -2.06
N PRO A 219 -16.32 -5.45 -3.17
CA PRO A 219 -16.34 -4.75 -4.46
C PRO A 219 -17.68 -4.05 -4.83
N LYS A 220 -18.76 -4.36 -4.13
CA LYS A 220 -20.06 -3.70 -4.33
C LYS A 220 -20.57 -3.87 -5.77
N PHE A 221 -20.62 -5.11 -6.27
CA PHE A 221 -21.17 -5.34 -7.61
C PHE A 221 -22.69 -5.26 -7.53
N GLU A 222 -23.31 -4.60 -8.52
CA GLU A 222 -24.79 -4.55 -8.61
C GLU A 222 -25.35 -5.66 -9.53
N GLU A 223 -24.66 -5.95 -10.64
CA GLU A 223 -25.12 -6.97 -11.63
C GLU A 223 -24.37 -8.32 -11.56
N SER A 224 -23.46 -8.48 -10.59
CA SER A 224 -22.64 -9.70 -10.47
C SER A 224 -22.74 -10.31 -9.05
N GLU A 225 -22.60 -11.65 -8.97
CA GLU A 225 -22.66 -12.37 -7.67
C GLU A 225 -21.27 -12.54 -7.00
N ALA A 226 -20.19 -12.13 -7.67
CA ALA A 226 -18.84 -12.30 -7.13
C ALA A 226 -18.75 -11.50 -5.85
N LEU A 227 -18.06 -12.07 -4.86
CA LEU A 227 -17.83 -11.41 -3.56
C LEU A 227 -16.50 -10.72 -3.53
N LEU A 228 -15.60 -11.09 -4.45
CA LEU A 228 -14.25 -10.53 -4.47
C LEU A 228 -13.84 -9.98 -5.82
N LEU A 229 -12.92 -9.02 -5.75
CA LEU A 229 -12.44 -8.34 -6.94
C LEU A 229 -11.69 -9.18 -7.94
N VAL A 230 -10.68 -9.94 -7.51
CA VAL A 230 -9.79 -10.58 -8.45
C VAL A 230 -10.53 -11.60 -9.35
N PRO A 231 -11.38 -12.44 -8.79
CA PRO A 231 -12.11 -13.39 -9.69
C PRO A 231 -12.99 -12.69 -10.70
N TRP A 232 -13.63 -11.60 -10.32
CA TRP A 232 -14.45 -10.84 -11.27
C TRP A 232 -13.62 -10.20 -12.35
N VAL A 233 -12.44 -9.65 -12.00
CA VAL A 233 -11.54 -9.11 -13.03
C VAL A 233 -11.07 -10.22 -13.96
N TRP A 234 -10.72 -11.38 -13.40
CA TRP A 234 -10.21 -12.47 -14.23
C TRP A 234 -11.33 -12.95 -15.20
N GLU A 235 -12.55 -13.08 -14.68
CA GLU A 235 -13.67 -13.50 -15.51
C GLU A 235 -13.91 -12.46 -16.59
N SER A 236 -13.82 -11.18 -16.25
CA SER A 236 -14.03 -10.13 -17.23
C SER A 236 -12.98 -10.18 -18.34
N TYR A 237 -11.74 -10.41 -17.96
CA TYR A 237 -10.66 -10.51 -18.93
C TYR A 237 -10.84 -11.68 -19.89
N GLY A 238 -11.25 -12.82 -19.36
CA GLY A 238 -11.48 -14.00 -20.18
C GLY A 238 -12.67 -13.88 -21.12
N ASN A 239 -13.61 -12.99 -20.82
CA ASN A 239 -14.77 -12.69 -21.70
C ASN A 239 -14.52 -11.45 -22.57
N GLU A 240 -13.24 -11.09 -22.81
CA GLU A 240 -12.83 -9.85 -23.53
C GLU A 240 -13.63 -8.60 -23.16
N ARG A 241 -13.87 -8.42 -21.86
CA ARG A 241 -14.60 -7.29 -21.28
C ARG A 241 -13.70 -6.40 -20.39
N ILE A 242 -12.47 -6.19 -20.81
CA ILE A 242 -11.55 -5.33 -20.02
C ILE A 242 -12.13 -3.94 -19.78
N LEU A 243 -12.81 -3.38 -20.77
CA LEU A 243 -13.36 -2.05 -20.62
C LEU A 243 -14.32 -1.97 -19.44
N ASP A 244 -15.11 -3.01 -19.23
CA ASP A 244 -16.04 -3.05 -18.08
C ASP A 244 -15.37 -2.94 -16.69
N ILE A 245 -14.09 -3.25 -16.62
CA ILE A 245 -13.33 -3.15 -15.38
C ILE A 245 -13.14 -1.74 -14.85
N ALA A 246 -12.96 -0.79 -15.76
CA ALA A 246 -12.62 0.58 -15.42
C ALA A 246 -13.62 1.23 -14.50
N ASP A 247 -13.08 1.97 -13.54
CA ASP A 247 -13.87 2.75 -12.59
C ASP A 247 -14.96 3.53 -13.35
N ARG A 248 -16.23 3.25 -13.00
CA ARG A 248 -17.39 3.91 -13.60
C ARG A 248 -17.25 5.44 -13.55
N LYS A 249 -16.67 5.95 -12.48
CA LYS A 249 -16.53 7.38 -12.27
C LYS A 249 -15.68 8.10 -13.31
N LEU A 250 -14.83 7.35 -13.99
CA LEU A 250 -13.98 7.92 -15.01
C LEU A 250 -14.72 8.21 -16.31
N GLY A 251 -15.91 7.63 -16.49
CA GLY A 251 -16.59 7.66 -17.78
C GLY A 251 -15.64 7.17 -18.85
N MET A 252 -15.52 7.91 -19.94
CA MET A 252 -14.61 7.51 -21.03
C MET A 252 -13.24 8.19 -21.00
N ALA A 253 -12.94 8.93 -19.92
CA ALA A 253 -11.66 9.64 -19.78
C ALA A 253 -10.58 8.73 -19.19
N PHE A 254 -10.13 7.80 -20.02
CA PHE A 254 -9.01 6.96 -19.69
C PHE A 254 -8.40 6.43 -20.98
N ASP A 255 -7.14 5.98 -20.86
CA ASP A 255 -6.37 5.45 -21.96
C ASP A 255 -6.58 3.91 -22.03
N PRO A 256 -7.24 3.40 -23.09
CA PRO A 256 -7.54 1.95 -23.16
C PRO A 256 -6.36 0.98 -23.18
N LYS A 257 -5.31 1.39 -23.84
CA LYS A 257 -4.08 0.64 -23.93
C LYS A 257 -3.42 0.48 -22.52
N GLN A 258 -3.43 1.56 -21.75
CA GLN A 258 -2.88 1.56 -20.38
C GLN A 258 -3.80 0.82 -19.46
N LEU A 259 -5.11 0.87 -19.70
CA LEU A 259 -6.05 0.14 -18.85
C LEU A 259 -5.85 -1.35 -19.03
N GLU A 260 -5.74 -1.78 -20.29
CA GLU A 260 -5.49 -3.17 -20.58
C GLU A 260 -4.22 -3.63 -19.90
N CYS A 261 -3.20 -2.80 -20.00
CA CYS A 261 -1.91 -3.15 -19.48
C CYS A 261 -1.98 -3.30 -17.96
N LEU A 262 -2.62 -2.34 -17.33
CA LEU A 262 -2.81 -2.35 -15.87
C LEU A 262 -3.57 -3.57 -15.42
N VAL A 263 -4.66 -3.91 -16.11
CA VAL A 263 -5.43 -5.08 -15.73
C VAL A 263 -4.65 -6.35 -15.91
N MET A 264 -3.98 -6.53 -17.04
CA MET A 264 -3.25 -7.77 -17.27
C MET A 264 -2.05 -7.91 -16.31
N VAL A 265 -1.36 -6.82 -16.03
CA VAL A 265 -0.29 -6.81 -15.01
C VAL A 265 -0.88 -7.18 -13.64
N GLY A 266 -2.02 -6.59 -13.30
CA GLY A 266 -2.65 -6.92 -12.03
C GLY A 266 -2.96 -8.41 -11.86
N LEU A 267 -3.55 -9.02 -12.89
CA LEU A 267 -3.87 -10.45 -12.82
C LEU A 267 -2.63 -11.33 -12.75
N TRP A 268 -1.63 -11.00 -13.56
CA TRP A 268 -0.34 -11.70 -13.55
C TRP A 268 0.27 -11.72 -12.16
N CYS A 269 0.24 -10.57 -11.51
CA CYS A 269 0.76 -10.37 -10.17
C CYS A 269 -0.08 -11.14 -9.18
N ALA A 270 -1.40 -11.18 -9.42
CA ALA A 270 -2.31 -11.87 -8.53
C ALA A 270 -2.54 -13.33 -8.88
N HIS A 271 -1.61 -13.94 -9.61
CA HIS A 271 -1.78 -15.34 -9.98
C HIS A 271 -1.83 -16.22 -8.73
N PRO A 272 -2.80 -17.15 -8.67
CA PRO A 272 -2.83 -18.03 -7.51
C PRO A 272 -1.54 -18.80 -7.27
N SER A 273 -0.84 -19.17 -8.34
CA SER A 273 0.41 -19.92 -8.23
C SER A 273 1.59 -18.97 -8.14
N HIS A 274 2.25 -18.96 -7.00
CA HIS A 274 3.33 -18.01 -6.80
C HIS A 274 4.44 -18.10 -7.84
N ASN A 275 4.70 -19.30 -8.36
CA ASN A 275 5.78 -19.45 -9.35
C ASN A 275 5.48 -18.80 -10.71
N LEU A 276 4.25 -18.39 -10.97
CA LEU A 276 3.91 -17.75 -12.23
C LEU A 276 3.83 -16.25 -12.14
N ARG A 277 4.08 -15.68 -10.94
CA ARG A 277 4.05 -14.25 -10.80
C ARG A 277 5.37 -13.65 -11.27
N PRO A 278 5.32 -12.43 -11.81
CA PRO A 278 6.51 -11.74 -12.28
C PRO A 278 7.34 -11.18 -11.13
N SER A 279 8.58 -10.83 -11.43
CA SER A 279 9.33 -9.94 -10.59
C SER A 279 8.81 -8.52 -10.76
N ILE A 280 9.05 -7.67 -9.76
CA ILE A 280 8.56 -6.31 -9.88
C ILE A 280 9.31 -5.56 -11.04
N ARG A 281 10.56 -5.90 -11.29
N ARG A 281 10.56 -5.92 -11.27
CA ARG A 281 11.25 -5.31 -12.42
CA ARG A 281 11.31 -5.40 -12.42
C ARG A 281 10.57 -5.65 -13.76
C ARG A 281 10.58 -5.66 -13.74
N GLN A 282 10.08 -6.88 -13.91
CA GLN A 282 9.35 -7.28 -15.13
C GLN A 282 8.05 -6.52 -15.25
N VAL A 283 7.36 -6.33 -14.11
CA VAL A 283 6.15 -5.53 -14.08
C VAL A 283 6.39 -4.13 -14.59
N ILE A 284 7.47 -3.48 -14.12
CA ILE A 284 7.72 -2.12 -14.53
C ILE A 284 8.00 -2.03 -16.04
N GLN A 285 8.73 -3.01 -16.58
CA GLN A 285 9.01 -3.08 -18.02
C GLN A 285 7.68 -3.15 -18.81
N VAL A 286 6.74 -3.98 -18.35
CA VAL A 286 5.45 -4.15 -19.04
C VAL A 286 4.59 -2.88 -18.95
N LEU A 287 4.50 -2.28 -17.76
CA LEU A 287 3.79 -1.02 -17.58
C LEU A 287 4.30 0.12 -18.47
N ASN A 288 5.60 0.11 -18.77
CA ASN A 288 6.23 1.10 -19.66
C ASN A 288 6.32 0.64 -21.09
N PHE A 289 5.66 -0.47 -21.43
CA PHE A 289 5.59 -0.97 -22.79
C PHE A 289 6.98 -1.22 -23.39
N GLU A 290 7.90 -1.66 -22.52
CA GLU A 290 9.24 -2.06 -22.92
C GLU A 290 9.36 -3.58 -23.03
N ALA A 291 8.30 -4.31 -22.68
CA ALA A 291 8.29 -5.76 -22.77
C ALA A 291 6.88 -6.24 -22.99
N PRO A 292 6.67 -7.47 -23.50
CA PRO A 292 5.30 -7.84 -23.87
C PRO A 292 4.32 -8.09 -22.72
N LEU A 293 3.04 -7.93 -23.02
CA LEU A 293 1.96 -8.27 -22.11
C LEU A 293 2.10 -9.75 -21.74
N PRO A 294 1.77 -10.11 -20.51
CA PRO A 294 1.85 -11.54 -20.15
C PRO A 294 0.80 -12.36 -20.90
N ASN A 295 1.11 -13.63 -21.14
CA ASN A 295 0.15 -14.61 -21.64
C ASN A 295 -0.60 -15.22 -20.44
N LEU A 296 -1.83 -14.82 -20.28
CA LEU A 296 -2.65 -15.28 -19.15
C LEU A 296 -3.70 -16.23 -19.67
N PRO A 297 -4.02 -17.30 -18.91
CA PRO A 297 -5.22 -18.05 -19.25
C PRO A 297 -6.47 -17.21 -19.04
N GLY A 298 -7.51 -17.51 -19.81
CA GLY A 298 -8.78 -16.81 -19.69
C GLY A 298 -9.54 -17.13 -18.42
N SER A 299 -9.32 -18.31 -17.84
CA SER A 299 -9.90 -18.63 -16.53
C SER A 299 -8.88 -18.58 -15.42
N MET A 300 -9.30 -18.10 -14.25
CA MET A 300 -8.44 -18.08 -13.09
C MET A 300 -8.18 -19.51 -12.61
N PRO A 301 -6.90 -19.90 -12.45
CA PRO A 301 -6.64 -21.29 -12.00
C PRO A 301 -7.17 -21.65 -10.61
N ILE A 302 -7.73 -22.86 -10.50
CA ILE A 302 -8.17 -23.43 -9.23
C ILE A 302 -7.08 -24.35 -8.66
#